data_2RBY
#
_entry.id   2RBY
#
_cell.length_a   51.114
_cell.length_b   75.539
_cell.length_c   106.914
_cell.angle_alpha   90.00
_cell.angle_beta   90.00
_cell.angle_gamma   90.00
#
_symmetry.space_group_name_H-M   'P 21 21 21'
#
loop_
_entity.id
_entity.type
_entity.pdbx_description
1 polymer 'Cytochrome C Peroxidase'
2 non-polymer 'PHOSPHATE ION'
3 non-polymer 'PROTOPORPHYRIN IX CONTAINING FE'
4 non-polymer 1-methyl-1H-imidazole-5-carbaldehyde
5 water water
#
_entity_poly.entity_id   1
_entity_poly.type   'polypeptide(L)'
_entity_poly.pdbx_seq_one_letter_code
;TLVHVASVEKGRSYEDFQKVYNAIALKLREDDEYDNYIGYGPVLVRLAWHISGTWDKHDNTGGSYGGTYRFKKEFNDPSN
AGLQNGFKFLEPIHKEFPWISSGDLFSLGGVTAVQEMQGPKIPWRCGRVDTPEDTTPDNGRLPDADKDAGYVRTFFQRLN
MNDREVVALMGAHALGKTHLKNSGYEGPGGAANNVFTNEFYLNLLNEDWKLEKNDANNEQWDSKSGYMMLPTDYSLIQDP
KYLSIVKEYANDQDKFFKDFSKAFEKLLEDGITFPKDAPSPFIFKTLEEQGL
;
_entity_poly.pdbx_strand_id   X
#
loop_
_chem_comp.id
_chem_comp.type
_chem_comp.name
_chem_comp.formula
280 non-polymer 1-methyl-1H-imidazole-5-carbaldehyde 'C5 H6 N2 O'
HEM non-polymer 'PROTOPORPHYRIN IX CONTAINING FE' 'C34 H32 Fe N4 O4'
PO4 non-polymer 'PHOSPHATE ION' 'O4 P -3'
#
# COMPACT_ATOMS: atom_id res chain seq x y z
N THR A 1 9.73 22.70 -9.10
CA THR A 1 9.75 21.36 -8.47
C THR A 1 10.77 20.45 -9.15
N LEU A 2 11.21 19.41 -8.43
CA LEU A 2 12.16 18.44 -8.99
C LEU A 2 11.48 17.69 -10.12
N VAL A 3 12.25 17.32 -11.13
CA VAL A 3 11.74 16.42 -12.17
C VAL A 3 12.41 15.04 -12.08
N HIS A 4 11.60 14.00 -12.05
CA HIS A 4 12.10 12.62 -12.05
C HIS A 4 11.59 11.90 -13.29
N VAL A 5 12.47 11.68 -14.27
CA VAL A 5 12.04 11.07 -15.52
C VAL A 5 12.25 9.56 -15.44
N ALA A 6 11.19 8.80 -15.71
CA ALA A 6 11.30 7.34 -15.73
C ALA A 6 12.31 6.91 -16.79
N SER A 7 13.21 6.02 -16.41
CA SER A 7 14.25 5.51 -17.30
C SER A 7 14.25 3.99 -17.20
N VAL A 8 13.83 3.34 -18.27
CA VAL A 8 13.68 1.87 -18.31
C VAL A 8 15.03 1.21 -18.03
N GLU A 9 15.04 0.25 -17.10
CA GLU A 9 16.26 -0.51 -16.83
C GLU A 9 16.78 -1.06 -18.16
N LYS A 10 18.08 -0.92 -18.40
CA LYS A 10 18.59 -1.07 -19.77
C LYS A 10 18.24 -2.41 -20.44
N GLY A 11 17.55 -2.33 -21.57
CA GLY A 11 17.20 -3.51 -22.37
C GLY A 11 16.05 -4.34 -21.83
N ARG A 12 15.45 -3.94 -20.72
CA ARG A 12 14.41 -4.78 -20.11
C ARG A 12 13.04 -4.51 -20.71
N SER A 13 12.20 -5.54 -20.67
CA SER A 13 10.85 -5.48 -21.22
C SER A 13 9.88 -6.25 -20.32
N TYR A 14 8.62 -6.38 -20.76
CA TYR A 14 7.58 -7.01 -19.95
C TYR A 14 8.02 -8.34 -19.35
N GLU A 15 8.62 -9.20 -20.17
CA GLU A 15 9.01 -10.54 -19.72
C GLU A 15 9.95 -10.49 -18.53
N ASP A 16 10.89 -9.53 -18.52
CA ASP A 16 11.81 -9.40 -17.40
C ASP A 16 11.04 -9.12 -16.11
N PHE A 17 10.10 -8.18 -16.18
CA PHE A 17 9.36 -7.81 -14.98
C PHE A 17 8.37 -8.89 -14.55
N GLN A 18 7.82 -9.63 -15.52
CA GLN A 18 6.97 -10.77 -15.16
C GLN A 18 7.78 -11.81 -14.38
N LYS A 19 9.06 -11.99 -14.73
CA LYS A 19 9.91 -12.91 -13.97
C LYS A 19 10.11 -12.44 -12.52
N VAL A 20 10.30 -11.14 -12.33
CA VAL A 20 10.42 -10.58 -10.97
C VAL A 20 9.10 -10.75 -10.20
N TYR A 21 7.98 -10.38 -10.83
CA TYR A 21 6.65 -10.62 -10.27
C TYR A 21 6.53 -12.09 -9.83
N ASN A 22 6.88 -13.01 -10.73
CA ASN A 22 6.75 -14.44 -10.42
C ASN A 22 7.61 -14.84 -9.22
N ALA A 23 8.83 -14.31 -9.14
CA ALA A 23 9.71 -14.65 -8.02
C ALA A 23 9.11 -14.16 -6.69
N ILE A 24 8.57 -12.95 -6.68
CA ILE A 24 7.89 -12.43 -5.49
C ILE A 24 6.67 -13.29 -5.15
N ALA A 25 5.87 -13.61 -6.17
CA ALA A 25 4.65 -14.39 -5.98
C ALA A 25 4.93 -15.81 -5.45
N LEU A 26 6.00 -16.42 -5.96
CA LEU A 26 6.40 -17.76 -5.49
C LEU A 26 6.88 -17.72 -4.04
N LYS A 27 7.60 -16.66 -3.69
CA LYS A 27 8.08 -16.52 -2.31
C LYS A 27 6.93 -16.21 -1.36
N LEU A 28 5.92 -15.47 -1.85
CA LEU A 28 4.70 -15.25 -1.06
C LEU A 28 4.01 -16.55 -0.71
N ARG A 29 3.92 -17.45 -1.69
CA ARG A 29 3.34 -18.76 -1.49
C ARG A 29 4.22 -19.60 -0.53
N GLU A 30 5.54 -19.51 -0.69
CA GLU A 30 6.47 -20.35 0.10
C GLU A 30 6.51 -19.98 1.57
N ASP A 31 6.63 -18.68 1.84
CA ASP A 31 6.84 -18.17 3.19
C ASP A 31 5.52 -17.88 3.89
N ASP A 32 4.70 -18.92 4.04
CA ASP A 32 3.32 -18.79 4.47
C ASP A 32 3.13 -18.59 5.97
N GLU A 33 4.15 -18.90 6.76
CA GLU A 33 4.05 -18.91 8.22
C GLU A 33 4.01 -17.51 8.83
N TYR A 34 4.57 -16.54 8.10
CA TYR A 34 4.83 -15.20 8.61
C TYR A 34 3.59 -14.56 9.23
N ASP A 35 3.79 -13.94 10.39
CA ASP A 35 2.71 -13.22 11.10
C ASP A 35 1.51 -14.12 11.34
N ASN A 36 1.77 -15.26 12.02
CA ASN A 36 0.72 -16.23 12.32
C ASN A 36 -0.13 -16.63 11.12
N TYR A 37 0.57 -16.92 10.03
CA TYR A 37 -0.02 -17.46 8.79
C TYR A 37 -0.84 -16.46 7.98
N ILE A 38 -0.68 -15.18 8.29
CA ILE A 38 -1.20 -14.14 7.39
C ILE A 38 -0.38 -14.15 6.09
N GLY A 39 0.93 -14.37 6.21
CA GLY A 39 1.82 -14.33 5.05
C GLY A 39 2.24 -12.89 4.80
N TYR A 40 3.15 -12.70 3.84
CA TYR A 40 3.79 -11.40 3.60
C TYR A 40 3.00 -10.41 2.74
N GLY A 41 1.85 -10.83 2.23
CA GLY A 41 1.11 -9.96 1.29
C GLY A 41 0.79 -8.59 1.88
N PRO A 42 0.10 -8.56 3.03
CA PRO A 42 -0.24 -7.25 3.60
C PRO A 42 0.95 -6.34 3.86
N VAL A 43 2.04 -6.84 4.46
CA VAL A 43 3.17 -5.96 4.75
C VAL A 43 3.82 -5.44 3.44
N LEU A 44 3.76 -6.22 2.36
CA LEU A 44 4.31 -5.75 1.08
C LEU A 44 3.45 -4.62 0.50
N VAL A 45 2.12 -4.74 0.68
CA VAL A 45 1.21 -3.65 0.28
C VAL A 45 1.51 -2.39 1.10
N ARG A 46 1.66 -2.54 2.40
CA ARG A 46 2.00 -1.39 3.23
C ARG A 46 3.34 -0.76 2.87
N LEU A 47 4.33 -1.60 2.55
CA LEU A 47 5.62 -1.08 2.16
C LEU A 47 5.49 -0.22 0.87
N ALA A 48 4.78 -0.75 -0.13
CA ALA A 48 4.62 0.01 -1.38
C ALA A 48 3.95 1.37 -1.15
N TRP A 49 2.95 1.37 -0.26
CA TRP A 49 2.30 2.63 0.11
C TRP A 49 3.22 3.58 0.87
N HIS A 50 3.95 3.08 1.86
CA HIS A 50 4.79 3.97 2.65
C HIS A 50 5.97 4.55 1.88
N ILE A 51 6.50 3.81 0.90
CA ILE A 51 7.59 4.37 0.09
C ILE A 51 7.07 5.44 -0.89
N SER A 52 5.78 5.36 -1.20
CA SER A 52 5.12 6.34 -2.06
C SER A 52 4.54 7.52 -1.31
N GLY A 53 4.07 7.26 -0.09
CA GLY A 53 3.30 8.22 0.70
C GLY A 53 4.11 9.37 1.29
N THR A 54 5.41 9.35 1.07
CA THR A 54 6.28 10.46 1.48
C THR A 54 6.23 11.62 0.48
N TRP A 55 5.57 11.41 -0.65
CA TRP A 55 5.54 12.41 -1.72
C TRP A 55 4.89 13.71 -1.27
N ASP A 56 5.44 14.83 -1.76
CA ASP A 56 4.82 16.14 -1.58
C ASP A 56 4.63 16.77 -2.95
N LYS A 57 3.37 16.98 -3.36
CA LYS A 57 3.07 17.49 -4.69
C LYS A 57 3.64 18.90 -4.89
N HIS A 58 3.90 19.62 -3.79
CA HIS A 58 4.32 21.02 -3.90
C HIS A 58 5.73 21.19 -4.44
N ASP A 59 6.61 20.25 -4.14
CA ASP A 59 7.99 20.37 -4.58
C ASP A 59 8.56 19.07 -5.16
N ASN A 60 7.71 18.05 -5.29
CA ASN A 60 8.12 16.73 -5.78
C ASN A 60 9.25 16.08 -4.96
N THR A 61 9.30 16.37 -3.67
CA THR A 61 10.16 15.62 -2.77
C THR A 61 9.48 14.30 -2.37
N GLY A 62 10.27 13.34 -1.88
CA GLY A 62 9.73 12.05 -1.50
C GLY A 62 9.23 11.30 -2.72
N GLY A 63 8.32 10.36 -2.49
CA GLY A 63 7.75 9.55 -3.57
C GLY A 63 8.54 8.28 -3.84
N SER A 64 7.96 7.39 -4.62
CA SER A 64 8.56 6.06 -4.86
C SER A 64 9.81 6.11 -5.74
N TYR A 65 9.97 7.15 -6.55
CA TYR A 65 10.99 7.14 -7.61
C TYR A 65 12.40 6.75 -7.11
N GLY A 66 12.85 7.39 -6.04
CA GLY A 66 14.28 7.32 -5.68
C GLY A 66 14.68 6.10 -4.89
N GLY A 67 13.71 5.28 -4.46
CA GLY A 67 14.05 4.08 -3.68
C GLY A 67 14.72 4.36 -2.34
N THR A 68 14.38 5.51 -1.75
CA THR A 68 15.12 6.02 -0.59
C THR A 68 14.87 5.28 0.74
N TYR A 69 13.85 4.41 0.77
CA TYR A 69 13.57 3.56 1.93
C TYR A 69 14.80 2.73 2.28
N ARG A 70 15.68 2.48 1.30
CA ARG A 70 16.90 1.70 1.58
C ARG A 70 17.88 2.42 2.50
N PHE A 71 17.67 3.72 2.71
CA PHE A 71 18.56 4.54 3.57
C PHE A 71 18.05 4.64 5.00
N LYS A 72 18.98 4.67 5.96
CA LYS A 72 18.64 4.53 7.37
C LYS A 72 17.61 5.55 7.89
N LYS A 73 17.68 6.78 7.44
CA LYS A 73 16.76 7.79 7.94
C LYS A 73 15.31 7.34 7.70
N GLU A 74 15.05 6.84 6.50
CA GLU A 74 13.69 6.42 6.13
C GLU A 74 13.32 5.03 6.67
N PHE A 75 14.21 4.04 6.61
N PHE A 75 14.27 4.10 6.58
CA PHE A 75 13.79 2.74 7.15
CA PHE A 75 14.12 2.75 7.10
C PHE A 75 13.64 2.75 8.66
C PHE A 75 13.70 2.78 8.58
N ASN A 76 14.28 3.72 9.32
CA ASN A 76 14.10 3.89 10.76
C ASN A 76 13.00 4.88 11.15
N ASP A 77 12.26 5.41 10.17
CA ASP A 77 11.10 6.26 10.48
C ASP A 77 10.20 5.47 11.41
N PRO A 78 9.82 6.04 12.59
CA PRO A 78 8.87 5.33 13.44
C PRO A 78 7.56 4.94 12.71
N SER A 79 7.15 5.75 11.73
CA SER A 79 5.96 5.43 10.92
C SER A 79 6.13 4.16 10.10
N ASN A 80 7.38 3.76 9.89
CA ASN A 80 7.69 2.55 9.10
C ASN A 80 8.00 1.31 9.93
N ALA A 81 7.77 1.36 11.24
CA ALA A 81 8.10 0.23 12.09
C ALA A 81 7.33 -0.99 11.64
N GLY A 82 8.07 -2.08 11.40
CA GLY A 82 7.51 -3.35 10.94
C GLY A 82 7.76 -3.60 9.46
N LEU A 83 8.00 -2.54 8.69
CA LEU A 83 8.20 -2.69 7.24
C LEU A 83 9.54 -3.35 6.91
N GLN A 84 10.45 -3.39 7.89
CA GLN A 84 11.71 -4.11 7.71
C GLN A 84 11.47 -5.57 7.33
N ASN A 85 10.35 -6.14 7.79
CA ASN A 85 9.97 -7.49 7.42
C ASN A 85 9.73 -7.63 5.92
N GLY A 86 9.12 -6.60 5.33
CA GLY A 86 8.87 -6.60 3.88
C GLY A 86 10.16 -6.42 3.12
N PHE A 87 11.01 -5.53 3.62
CA PHE A 87 12.30 -5.31 3.00
C PHE A 87 13.14 -6.59 3.00
N LYS A 88 13.17 -7.28 4.14
CA LYS A 88 13.93 -8.54 4.23
C LYS A 88 13.39 -9.61 3.28
N PHE A 89 12.07 -9.66 3.10
CA PHE A 89 11.43 -10.56 2.15
C PHE A 89 11.94 -10.26 0.74
N LEU A 90 12.03 -8.98 0.41
CA LEU A 90 12.42 -8.59 -0.95
C LEU A 90 13.92 -8.72 -1.23
N GLU A 91 14.74 -8.83 -0.20
CA GLU A 91 16.18 -8.89 -0.37
C GLU A 91 16.64 -10.00 -1.31
N PRO A 92 16.22 -11.23 -1.08
CA PRO A 92 16.65 -12.27 -2.03
C PRO A 92 16.15 -12.06 -3.45
N ILE A 93 14.99 -11.42 -3.59
CA ILE A 93 14.49 -11.09 -4.93
C ILE A 93 15.45 -10.10 -5.60
N HIS A 94 15.88 -9.08 -4.87
CA HIS A 94 16.78 -8.08 -5.43
C HIS A 94 18.12 -8.70 -5.77
N LYS A 95 18.57 -9.64 -4.94
CA LYS A 95 19.83 -10.35 -5.22
C LYS A 95 19.75 -11.16 -6.52
N GLU A 96 18.60 -11.80 -6.76
CA GLU A 96 18.39 -12.56 -7.98
C GLU A 96 18.26 -11.68 -9.22
N PHE A 97 17.68 -10.49 -9.02
CA PHE A 97 17.44 -9.56 -10.13
C PHE A 97 18.07 -8.23 -9.80
N PRO A 98 19.41 -8.16 -9.77
CA PRO A 98 20.08 -6.97 -9.27
C PRO A 98 19.88 -5.74 -10.15
N TRP A 99 19.39 -5.98 -11.36
CA TRP A 99 19.17 -4.93 -12.36
C TRP A 99 17.95 -4.06 -12.09
N ILE A 100 17.02 -4.54 -11.25
CA ILE A 100 15.82 -3.73 -10.98
C ILE A 100 16.14 -2.62 -9.97
N SER A 101 15.58 -1.42 -10.16
CA SER A 101 15.79 -0.35 -9.19
C SER A 101 15.03 -0.66 -7.89
N SER A 102 15.42 0.02 -6.81
CA SER A 102 14.80 -0.23 -5.53
C SER A 102 13.33 0.23 -5.53
N GLY A 103 13.07 1.42 -6.07
CA GLY A 103 11.67 1.89 -6.17
C GLY A 103 10.80 0.97 -7.02
N ASP A 104 11.34 0.49 -8.14
CA ASP A 104 10.59 -0.47 -8.94
C ASP A 104 10.31 -1.74 -8.15
N LEU A 105 11.31 -2.25 -7.43
CA LEU A 105 11.11 -3.45 -6.64
C LEU A 105 10.06 -3.26 -5.53
N PHE A 106 10.17 -2.16 -4.78
CA PHE A 106 9.25 -1.96 -3.65
C PHE A 106 7.81 -1.81 -4.17
N SER A 107 7.64 -1.01 -5.23
CA SER A 107 6.29 -0.81 -5.76
C SER A 107 5.74 -2.09 -6.41
N LEU A 108 6.60 -2.81 -7.12
CA LEU A 108 6.17 -4.07 -7.73
C LEU A 108 5.78 -5.09 -6.66
N GLY A 109 6.48 -5.07 -5.52
CA GLY A 109 6.08 -5.96 -4.41
C GLY A 109 4.63 -5.74 -3.99
N GLY A 110 4.21 -4.47 -3.93
CA GLY A 110 2.81 -4.14 -3.58
C GLY A 110 1.81 -4.62 -4.63
N VAL A 111 2.13 -4.37 -5.90
CA VAL A 111 1.26 -4.82 -7.01
C VAL A 111 1.13 -6.34 -6.98
N THR A 112 2.26 -7.03 -6.82
CA THR A 112 2.27 -8.49 -6.80
C THR A 112 1.41 -9.01 -5.66
N ALA A 113 1.61 -8.42 -4.48
CA ALA A 113 0.83 -8.85 -3.31
C ALA A 113 -0.69 -8.66 -3.54
N VAL A 114 -1.09 -7.48 -4.01
CA VAL A 114 -2.52 -7.28 -4.25
C VAL A 114 -3.08 -8.33 -5.21
N GLN A 115 -2.38 -8.57 -6.32
CA GLN A 115 -2.93 -9.48 -7.33
C GLN A 115 -2.93 -10.93 -6.84
N GLU A 116 -1.86 -11.30 -6.14
CA GLU A 116 -1.78 -12.69 -5.68
C GLU A 116 -2.80 -12.98 -4.58
N MET A 117 -3.18 -11.96 -3.82
CA MET A 117 -4.26 -12.05 -2.84
C MET A 117 -5.66 -11.92 -3.46
N GLN A 118 -5.73 -12.09 -4.77
CA GLN A 118 -7.00 -12.13 -5.51
C GLN A 118 -7.65 -10.75 -5.65
N GLY A 119 -6.83 -9.72 -5.51
CA GLY A 119 -7.28 -8.35 -5.75
C GLY A 119 -7.38 -7.99 -7.22
N PRO A 120 -7.65 -6.70 -7.51
CA PRO A 120 -7.72 -6.28 -8.92
C PRO A 120 -6.34 -6.33 -9.58
N LYS A 121 -6.31 -6.39 -10.90
CA LYS A 121 -5.10 -6.13 -11.66
CA LYS A 121 -5.08 -6.14 -11.62
C LYS A 121 -4.71 -4.68 -11.41
N ILE A 122 -3.43 -4.44 -11.16
CA ILE A 122 -2.91 -3.09 -11.00
C ILE A 122 -1.85 -2.88 -12.10
N PRO A 123 -2.17 -2.05 -13.11
CA PRO A 123 -1.13 -1.79 -14.11
C PRO A 123 0.07 -1.14 -13.42
N TRP A 124 1.27 -1.47 -13.91
CA TRP A 124 2.49 -1.02 -13.26
C TRP A 124 3.50 -0.60 -14.32
N ARG A 125 4.20 0.49 -14.04
CA ARG A 125 5.20 1.01 -14.98
C ARG A 125 6.58 0.95 -14.34
N CYS A 126 7.57 0.58 -15.14
CA CYS A 126 8.95 0.55 -14.68
C CYS A 126 9.62 1.91 -14.89
N GLY A 127 10.84 2.03 -14.36
CA GLY A 127 11.65 3.19 -14.67
C GLY A 127 12.03 4.11 -13.53
N ARG A 128 11.62 3.77 -12.31
CA ARG A 128 12.13 4.47 -11.13
C ARG A 128 13.63 4.27 -11.07
N VAL A 129 14.35 5.30 -10.64
CA VAL A 129 15.84 5.27 -10.62
C VAL A 129 16.31 5.62 -9.22
N ASP A 130 17.21 4.80 -8.67
CA ASP A 130 17.73 5.05 -7.33
C ASP A 130 18.38 6.41 -7.28
N THR A 131 18.05 7.17 -6.25
CA THR A 131 18.69 8.48 -6.00
C THR A 131 19.51 8.44 -4.70
N PRO A 132 20.46 9.40 -4.53
CA PRO A 132 21.39 9.37 -3.39
C PRO A 132 20.77 9.58 -2.02
N GLU A 133 21.54 9.29 -0.98
CA GLU A 133 21.07 9.36 0.40
C GLU A 133 20.53 10.74 0.80
N ASP A 134 21.11 11.80 0.25
CA ASP A 134 20.66 13.14 0.57
C ASP A 134 19.29 13.52 -0.02
N THR A 135 18.72 12.65 -0.87
CA THR A 135 17.36 12.86 -1.40
C THR A 135 16.30 12.17 -0.53
N THR A 136 16.73 11.47 0.52
CA THR A 136 15.79 10.80 1.43
C THR A 136 14.93 11.83 2.16
N PRO A 137 13.60 11.66 2.12
CA PRO A 137 12.76 12.64 2.81
C PRO A 137 12.85 12.45 4.32
N ASP A 138 12.69 13.55 5.07
CA ASP A 138 12.67 13.47 6.54
C ASP A 138 11.46 12.68 7.00
N ASN A 139 11.57 12.10 8.20
CA ASN A 139 10.44 11.44 8.88
C ASN A 139 9.32 12.45 9.09
N GLY A 140 8.09 11.93 9.19
CA GLY A 140 6.95 12.75 9.59
C GLY A 140 5.98 13.08 8.48
N ARG A 141 6.22 12.52 7.29
CA ARG A 141 5.35 12.76 6.12
C ARG A 141 4.22 11.72 5.99
N LEU A 142 4.29 10.63 6.76
CA LEU A 142 3.23 9.62 6.74
C LEU A 142 2.16 9.95 7.79
N PRO A 143 0.91 9.48 7.59
CA PRO A 143 -0.20 9.98 8.41
C PRO A 143 -0.31 9.38 9.83
N ASP A 144 -0.84 10.18 10.75
CA ASP A 144 -1.19 9.73 12.10
C ASP A 144 -2.53 9.02 12.06
N ALA A 145 -2.73 8.08 12.99
CA ALA A 145 -3.92 7.24 13.03
C ALA A 145 -4.96 7.71 14.05
N ASP A 146 -4.58 8.65 14.91
CA ASP A 146 -5.44 9.05 16.04
C ASP A 146 -6.36 10.24 15.74
N LYS A 147 -6.48 10.57 14.47
CA LYS A 147 -7.07 11.82 14.00
C LYS A 147 -8.44 11.60 13.36
N ASP A 148 -9.06 12.70 12.92
CA ASP A 148 -10.45 12.69 12.41
C ASP A 148 -10.52 12.85 10.90
N ALA A 149 -11.75 12.94 10.38
CA ALA A 149 -11.93 12.97 8.92
C ALA A 149 -11.27 14.19 8.27
N GLY A 150 -11.35 15.34 8.95
CA GLY A 150 -10.74 16.56 8.43
C GLY A 150 -9.23 16.44 8.27
N TYR A 151 -8.60 15.76 9.23
CA TYR A 151 -7.19 15.49 9.15
C TYR A 151 -6.87 14.61 7.95
N VAL A 152 -7.64 13.54 7.78
CA VAL A 152 -7.42 12.61 6.68
C VAL A 152 -7.56 13.31 5.34
N ARG A 153 -8.61 14.11 5.21
CA ARG A 153 -8.88 14.81 3.96
C ARG A 153 -7.74 15.79 3.61
N THR A 154 -7.34 16.58 4.59
CA THR A 154 -6.24 17.52 4.36
C THR A 154 -4.93 16.79 4.09
N PHE A 155 -4.68 15.72 4.84
CA PHE A 155 -3.43 14.96 4.67
C PHE A 155 -3.28 14.53 3.21
N PHE A 156 -4.33 13.92 2.69
CA PHE A 156 -4.26 13.31 1.37
C PHE A 156 -4.23 14.33 0.22
N GLN A 157 -4.61 15.60 0.47
CA GLN A 157 -4.43 16.64 -0.56
C GLN A 157 -2.96 16.77 -0.94
N ARG A 158 -2.06 16.51 0.02
CA ARG A 158 -0.62 16.61 -0.27
C ARG A 158 -0.17 15.56 -1.31
N LEU A 159 -0.90 14.45 -1.35
CA LEU A 159 -0.66 13.35 -2.28
C LEU A 159 -1.58 13.44 -3.52
N ASN A 160 -2.26 14.58 -3.66
CA ASN A 160 -3.19 14.81 -4.77
C ASN A 160 -4.27 13.76 -4.88
N MET A 161 -4.81 13.34 -3.73
CA MET A 161 -5.91 12.36 -3.70
C MET A 161 -7.19 13.05 -3.23
N ASN A 162 -8.30 12.75 -3.91
CA ASN A 162 -9.60 13.30 -3.54
C ASN A 162 -10.37 12.33 -2.63
N ASP A 163 -11.62 12.67 -2.30
CA ASP A 163 -12.37 11.84 -1.32
C ASP A 163 -12.52 10.40 -1.81
N ARG A 164 -12.86 10.22 -3.09
CA ARG A 164 -13.08 8.88 -3.63
CA ARG A 164 -13.08 8.87 -3.60
C ARG A 164 -11.79 8.07 -3.58
N GLU A 165 -10.67 8.72 -3.95
CA GLU A 165 -9.36 8.05 -3.96
C GLU A 165 -8.94 7.66 -2.55
N VAL A 166 -9.19 8.55 -1.58
CA VAL A 166 -8.88 8.23 -0.18
C VAL A 166 -9.68 7.04 0.33
N VAL A 167 -10.99 7.06 0.10
CA VAL A 167 -11.82 5.98 0.61
C VAL A 167 -11.45 4.67 -0.08
N ALA A 168 -11.20 4.72 -1.40
CA ALA A 168 -10.78 3.50 -2.09
C ALA A 168 -9.46 2.96 -1.53
N LEU A 169 -8.47 3.84 -1.39
CA LEU A 169 -7.17 3.37 -0.90
C LEU A 169 -7.32 2.74 0.48
N MET A 170 -8.18 3.31 1.32
CA MET A 170 -8.27 2.82 2.70
C MET A 170 -8.81 1.39 2.77
N GLY A 171 -9.44 0.91 1.70
CA GLY A 171 -9.94 -0.46 1.70
C GLY A 171 -8.85 -1.51 1.88
N ALA A 172 -7.60 -1.11 1.64
CA ALA A 172 -6.46 -1.99 1.92
C ALA A 172 -6.37 -2.36 3.39
N HIS A 173 -7.06 -1.61 4.27
CA HIS A 173 -7.08 -1.94 5.69
C HIS A 173 -7.88 -3.20 6.03
N ALA A 174 -8.50 -3.81 5.02
CA ALA A 174 -9.01 -5.19 5.18
C ALA A 174 -7.86 -6.16 5.40
N LEU A 175 -6.67 -5.78 4.93
CA LEU A 175 -5.52 -6.71 4.89
C LEU A 175 -4.68 -6.69 6.16
N GLY A 176 -4.17 -7.86 6.57
CA GLY A 176 -3.16 -7.90 7.64
C GLY A 176 -3.76 -7.50 8.98
N LYS A 177 -2.98 -6.75 9.76
CA LYS A 177 -3.43 -6.36 11.09
C LYS A 177 -2.58 -5.21 11.59
N THR A 178 -3.07 -4.58 12.65
CA THR A 178 -2.25 -3.66 13.41
C THR A 178 -1.52 -4.47 14.49
N HIS A 179 -0.27 -4.11 14.77
CA HIS A 179 0.55 -4.83 15.74
C HIS A 179 0.96 -3.84 16.83
N LEU A 180 0.65 -4.17 18.10
CA LEU A 180 0.86 -3.20 19.17
C LEU A 180 2.29 -2.66 19.20
N LYS A 181 3.27 -3.55 18.98
CA LYS A 181 4.69 -3.17 19.07
C LYS A 181 5.15 -2.27 17.93
N ASN A 182 4.46 -2.32 16.79
CA ASN A 182 4.82 -1.47 15.67
C ASN A 182 4.23 -0.07 15.77
N SER A 183 2.92 -0.01 16.08
CA SER A 183 2.17 1.23 15.90
C SER A 183 1.37 1.67 17.10
N GLY A 184 1.31 0.84 18.14
CA GLY A 184 0.48 1.18 19.29
C GLY A 184 -1.01 0.89 19.08
N TYR A 185 -1.33 0.07 18.07
CA TYR A 185 -2.68 -0.42 17.79
C TYR A 185 -2.63 -1.93 17.62
N GLU A 186 -3.71 -2.63 17.98
CA GLU A 186 -3.71 -4.09 17.90
C GLU A 186 -4.97 -4.68 17.31
N GLY A 187 -4.78 -5.52 16.30
CA GLY A 187 -5.85 -6.40 15.83
C GLY A 187 -6.12 -6.33 14.32
N PRO A 188 -6.87 -7.30 13.80
CA PRO A 188 -7.22 -7.38 12.38
C PRO A 188 -8.50 -6.60 12.11
N GLY A 189 -8.83 -6.34 10.85
CA GLY A 189 -10.01 -5.56 10.52
C GLY A 189 -11.18 -6.41 10.07
N GLY A 190 -10.94 -7.72 9.94
CA GLY A 190 -11.98 -8.63 9.47
C GLY A 190 -11.46 -10.05 9.42
N ALA A 191 -12.26 -10.93 8.82
CA ALA A 191 -11.96 -12.35 8.82
C ALA A 191 -10.97 -12.76 7.71
N ALA A 192 -11.03 -12.09 6.58
CA ALA A 192 -10.31 -12.49 5.38
C ALA A 192 -9.12 -11.58 5.13
N ASN A 193 -8.15 -11.60 6.01
CA ASN A 193 -7.10 -10.62 5.99
C ASN A 193 -5.83 -10.93 5.21
N ASN A 194 -5.86 -12.02 4.45
CA ASN A 194 -4.89 -12.18 3.36
C ASN A 194 -5.53 -12.46 1.99
N VAL A 195 -6.81 -12.12 1.87
CA VAL A 195 -7.52 -12.13 0.59
C VAL A 195 -8.07 -10.71 0.41
N PHE A 196 -7.84 -10.13 -0.76
CA PHE A 196 -8.24 -8.74 -1.05
C PHE A 196 -9.72 -8.71 -1.41
N THR A 197 -10.54 -8.10 -0.55
CA THR A 197 -11.97 -7.97 -0.82
C THR A 197 -12.41 -6.59 -0.36
N ASN A 198 -13.71 -6.32 -0.46
CA ASN A 198 -14.27 -5.06 0.04
C ASN A 198 -14.76 -5.18 1.49
N GLU A 199 -14.30 -6.16 2.23
CA GLU A 199 -14.68 -6.39 3.64
CA GLU A 199 -14.74 -6.30 3.58
C GLU A 199 -14.51 -5.15 4.55
N PHE A 200 -13.53 -4.33 4.27
CA PHE A 200 -13.31 -3.15 5.12
C PHE A 200 -14.59 -2.32 5.25
N TYR A 201 -15.25 -2.11 4.11
CA TYR A 201 -16.44 -1.27 4.05
C TYR A 201 -17.64 -1.95 4.68
N LEU A 202 -17.79 -3.24 4.40
CA LEU A 202 -18.88 -4.01 5.00
C LEU A 202 -18.73 -4.02 6.52
N ASN A 203 -17.51 -4.23 7.01
CA ASN A 203 -17.30 -4.27 8.46
C ASN A 203 -17.52 -2.91 9.10
N LEU A 204 -17.07 -1.85 8.44
CA LEU A 204 -17.36 -0.51 8.98
C LEU A 204 -18.85 -0.31 9.20
N LEU A 205 -19.65 -0.70 8.22
CA LEU A 205 -21.09 -0.45 8.26
C LEU A 205 -21.87 -1.43 9.14
N ASN A 206 -21.38 -2.67 9.23
CA ASN A 206 -22.21 -3.75 9.78
C ASN A 206 -21.82 -4.21 11.18
N GLU A 207 -20.57 -4.02 11.59
CA GLU A 207 -20.14 -4.41 12.93
C GLU A 207 -20.64 -3.42 13.98
N ASP A 208 -20.76 -3.89 15.22
CA ASP A 208 -21.09 -3.01 16.34
C ASP A 208 -19.78 -2.56 17.00
N TRP A 209 -19.36 -1.34 16.68
CA TRP A 209 -18.06 -0.83 17.13
C TRP A 209 -18.17 -0.15 18.48
N LYS A 210 -17.20 -0.42 19.34
CA LYS A 210 -17.08 0.22 20.66
C LYS A 210 -15.71 0.90 20.77
N LEU A 211 -15.71 2.15 21.24
CA LEU A 211 -14.48 2.89 21.40
C LEU A 211 -13.78 2.46 22.69
N GLU A 212 -12.64 1.78 22.55
CA GLU A 212 -11.93 1.19 23.70
C GLU A 212 -10.50 1.68 23.74
N LYS A 213 -9.82 1.46 24.87
CA LYS A 213 -8.40 1.68 24.93
C LYS A 213 -7.66 0.36 24.88
N ASN A 214 -6.62 0.33 24.06
CA ASN A 214 -5.78 -0.86 23.95
C ASN A 214 -4.69 -0.83 25.01
N ASP A 215 -3.82 -1.84 24.98
CA ASP A 215 -2.81 -1.98 26.04
C ASP A 215 -1.68 -0.95 25.94
N ALA A 216 -1.66 -0.20 24.84
CA ALA A 216 -0.70 0.89 24.69
C ALA A 216 -1.33 2.23 25.09
N ASN A 217 -2.55 2.17 25.65
CA ASN A 217 -3.26 3.36 26.12
C ASN A 217 -3.74 4.28 24.98
N ASN A 218 -3.90 3.69 23.79
CA ASN A 218 -4.50 4.41 22.67
C ASN A 218 -5.92 3.96 22.39
N GLU A 219 -6.76 4.89 21.95
CA GLU A 219 -8.12 4.54 21.55
C GLU A 219 -8.19 3.88 20.17
N GLN A 220 -9.02 2.86 20.08
CA GLN A 220 -9.35 2.20 18.82
C GLN A 220 -10.76 1.66 18.91
N TRP A 221 -11.38 1.44 17.75
CA TRP A 221 -12.74 0.94 17.69
C TRP A 221 -12.70 -0.57 17.55
N ASP A 222 -13.37 -1.26 18.45
CA ASP A 222 -13.33 -2.73 18.48
C ASP A 222 -14.72 -3.33 18.33
N SER A 223 -14.80 -4.48 17.68
CA SER A 223 -16.08 -5.20 17.58
C SER A 223 -16.06 -6.52 18.36
N LYS A 224 -17.24 -7.02 18.69
CA LYS A 224 -17.37 -8.32 19.37
C LYS A 224 -16.74 -9.47 18.57
N SER A 225 -16.70 -9.33 17.24
CA SER A 225 -16.10 -10.33 16.34
C SER A 225 -14.58 -10.40 16.47
N GLY A 226 -13.99 -9.45 17.19
CA GLY A 226 -12.53 -9.39 17.36
C GLY A 226 -11.83 -8.56 16.29
N TYR A 227 -12.57 -7.66 15.66
CA TYR A 227 -11.99 -6.78 14.66
C TYR A 227 -11.74 -5.40 15.26
N MET A 228 -10.92 -4.61 14.56
CA MET A 228 -10.62 -3.25 15.00
C MET A 228 -10.52 -2.31 13.83
N MET A 229 -10.76 -1.04 14.14
CA MET A 229 -10.61 0.08 13.20
C MET A 229 -9.84 1.19 13.92
N LEU A 230 -8.93 1.84 13.20
CA LEU A 230 -8.25 3.02 13.72
C LEU A 230 -9.22 4.18 13.77
N PRO A 231 -8.95 5.20 14.63
CA PRO A 231 -9.78 6.42 14.54
C PRO A 231 -9.89 6.98 13.13
N THR A 232 -8.81 6.96 12.36
CA THR A 232 -8.88 7.46 10.98
C THR A 232 -9.75 6.59 10.07
N ASP A 233 -9.79 5.28 10.31
CA ASP A 233 -10.71 4.38 9.58
C ASP A 233 -12.16 4.73 9.91
N TYR A 234 -12.43 4.83 11.22
CA TYR A 234 -13.79 5.09 11.66
C TYR A 234 -14.28 6.46 11.18
N SER A 235 -13.35 7.39 10.99
CA SER A 235 -13.73 8.72 10.49
C SER A 235 -14.45 8.65 9.14
N LEU A 236 -14.21 7.59 8.37
CA LEU A 236 -14.84 7.43 7.06
C LEU A 236 -16.36 7.19 7.14
N ILE A 237 -16.85 6.81 8.34
CA ILE A 237 -18.31 6.69 8.53
C ILE A 237 -18.87 7.83 9.40
N GLN A 238 -17.99 8.66 9.94
CA GLN A 238 -18.41 9.85 10.70
C GLN A 238 -18.65 11.03 9.77
N ASP A 239 -17.84 11.16 8.73
CA ASP A 239 -17.97 12.26 7.76
C ASP A 239 -19.01 11.87 6.70
N PRO A 240 -20.02 12.74 6.44
CA PRO A 240 -21.09 12.33 5.51
C PRO A 240 -20.62 12.09 4.07
N LYS A 241 -19.56 12.77 3.65
CA LYS A 241 -19.09 12.59 2.28
C LYS A 241 -18.36 11.27 2.14
N TYR A 242 -17.51 10.97 3.12
CA TYR A 242 -16.85 9.68 3.12
C TYR A 242 -17.86 8.55 3.27
N LEU A 243 -18.89 8.75 4.09
CA LEU A 243 -19.84 7.68 4.37
C LEU A 243 -20.53 7.22 3.09
N SER A 244 -20.92 8.18 2.23
CA SER A 244 -21.59 7.81 0.99
C SER A 244 -20.73 6.88 0.15
N ILE A 245 -19.42 7.16 0.13
CA ILE A 245 -18.50 6.38 -0.70
C ILE A 245 -18.26 5.01 -0.07
N VAL A 246 -18.14 4.96 1.26
CA VAL A 246 -18.06 3.68 1.98
C VAL A 246 -19.25 2.78 1.60
N LYS A 247 -20.44 3.35 1.61
CA LYS A 247 -21.64 2.58 1.25
C LYS A 247 -21.57 2.09 -0.19
N GLU A 248 -21.09 2.91 -1.09
CA GLU A 248 -20.96 2.54 -2.49
CA GLU A 248 -20.93 2.52 -2.48
C GLU A 248 -20.01 1.29 -2.61
N TYR A 249 -18.87 1.37 -1.97
CA TYR A 249 -17.94 0.24 -2.12
C TYR A 249 -18.42 -1.00 -1.38
N ALA A 250 -19.13 -0.83 -0.25
CA ALA A 250 -19.72 -1.99 0.44
C ALA A 250 -20.73 -2.71 -0.42
N ASN A 251 -21.30 -2.01 -1.40
CA ASN A 251 -22.35 -2.55 -2.24
C ASN A 251 -21.94 -2.84 -3.67
N ASP A 252 -20.65 -2.70 -3.98
CA ASP A 252 -20.23 -2.95 -5.35
C ASP A 252 -18.75 -3.35 -5.40
N GLN A 253 -18.52 -4.66 -5.32
CA GLN A 253 -17.16 -5.21 -5.30
C GLN A 253 -16.34 -4.79 -6.52
N ASP A 254 -16.96 -4.83 -7.69
CA ASP A 254 -16.26 -4.52 -8.92
C ASP A 254 -15.84 -3.05 -8.96
N LYS A 255 -16.74 -2.17 -8.54
CA LYS A 255 -16.45 -0.73 -8.54
C LYS A 255 -15.28 -0.43 -7.58
N PHE A 256 -15.33 -1.07 -6.43
CA PHE A 256 -14.23 -0.90 -5.50
C PHE A 256 -12.90 -1.37 -6.12
N PHE A 257 -12.91 -2.55 -6.75
CA PHE A 257 -11.69 -3.07 -7.40
C PHE A 257 -11.15 -2.07 -8.43
N LYS A 258 -12.04 -1.57 -9.29
CA LYS A 258 -11.61 -0.67 -10.36
C LYS A 258 -11.03 0.63 -9.79
N ASP A 259 -11.71 1.18 -8.78
CA ASP A 259 -11.27 2.46 -8.19
C ASP A 259 -9.99 2.28 -7.37
N PHE A 260 -9.88 1.19 -6.61
CA PHE A 260 -8.65 0.92 -5.89
C PHE A 260 -7.48 0.77 -6.87
N SER A 261 -7.69 0.04 -7.98
CA SER A 261 -6.60 -0.18 -8.93
C SER A 261 -6.07 1.15 -9.47
N LYS A 262 -6.98 2.05 -9.85
CA LYS A 262 -6.57 3.36 -10.37
C LYS A 262 -5.83 4.17 -9.31
N ALA A 263 -6.37 4.23 -8.09
CA ALA A 263 -5.76 5.06 -7.04
C ALA A 263 -4.42 4.52 -6.59
N PHE A 264 -4.31 3.19 -6.55
CA PHE A 264 -3.06 2.58 -6.12
C PHE A 264 -1.96 2.76 -7.16
N GLU A 265 -2.30 2.58 -8.44
CA GLU A 265 -1.31 2.89 -9.47
C GLU A 265 -0.90 4.37 -9.38
N LYS A 266 -1.89 5.26 -9.23
CA LYS A 266 -1.58 6.69 -9.16
C LYS A 266 -0.62 6.97 -7.98
N LEU A 267 -0.93 6.38 -6.82
CA LEU A 267 -0.12 6.56 -5.61
C LEU A 267 1.33 6.16 -5.90
N LEU A 268 1.48 4.99 -6.53
CA LEU A 268 2.81 4.44 -6.82
C LEU A 268 3.57 5.21 -7.91
N GLU A 269 2.85 6.01 -8.70
CA GLU A 269 3.47 6.77 -9.78
C GLU A 269 3.60 8.26 -9.50
N ASP A 270 3.02 8.73 -8.39
CA ASP A 270 3.12 10.16 -8.06
C ASP A 270 4.58 10.60 -8.10
N GLY A 271 4.84 11.72 -8.76
CA GLY A 271 6.18 12.32 -8.79
C GLY A 271 7.01 11.93 -10.00
N ILE A 272 6.54 10.95 -10.77
CA ILE A 272 7.29 10.42 -11.91
C ILE A 272 6.78 10.98 -13.24
N THR A 273 7.70 11.47 -14.07
CA THR A 273 7.41 11.91 -15.41
C THR A 273 7.73 10.77 -16.36
N PHE A 274 6.71 10.30 -17.06
CA PHE A 274 6.89 9.25 -18.07
C PHE A 274 7.01 9.87 -19.45
N PRO A 275 8.16 9.63 -20.12
CA PRO A 275 8.32 10.11 -21.51
C PRO A 275 7.19 9.61 -22.41
N LYS A 276 6.86 10.41 -23.43
CA LYS A 276 5.73 10.06 -24.31
C LYS A 276 5.96 8.71 -25.03
N ASP A 277 7.21 8.34 -25.20
CA ASP A 277 7.56 7.06 -25.84
C ASP A 277 7.96 5.95 -24.85
N ALA A 278 7.68 6.16 -23.57
CA ALA A 278 7.87 5.12 -22.55
C ALA A 278 6.96 3.93 -22.86
N PRO A 279 7.34 2.72 -22.41
CA PRO A 279 6.42 1.60 -22.63
C PRO A 279 5.07 1.85 -21.96
N SER A 280 4.01 1.24 -22.50
CA SER A 280 2.71 1.27 -21.83
C SER A 280 2.81 0.53 -20.49
N PRO A 281 1.88 0.82 -19.56
CA PRO A 281 1.89 0.07 -18.30
C PRO A 281 1.74 -1.42 -18.53
N PHE A 282 2.44 -2.20 -17.71
CA PHE A 282 2.40 -3.65 -17.79
C PHE A 282 1.27 -4.17 -16.89
N ILE A 283 0.58 -5.19 -17.37
CA ILE A 283 -0.38 -5.90 -16.51
C ILE A 283 0.12 -7.34 -16.40
N PHE A 284 0.60 -7.67 -15.21
CA PHE A 284 1.18 -9.00 -14.99
C PHE A 284 0.13 -10.06 -14.78
N LYS A 285 0.43 -11.25 -15.29
CA LYS A 285 -0.40 -12.42 -15.05
C LYS A 285 -0.12 -12.96 -13.65
N THR A 286 -1.16 -13.41 -12.96
CA THR A 286 -0.92 -14.07 -11.67
C THR A 286 -0.29 -15.46 -11.86
N LEU A 287 0.28 -16.02 -10.79
CA LEU A 287 0.77 -17.41 -10.88
C LEU A 287 -0.36 -18.35 -11.35
N GLU A 288 -1.54 -18.16 -10.75
CA GLU A 288 -2.71 -18.96 -11.13
C GLU A 288 -3.05 -18.88 -12.63
N GLU A 289 -3.03 -17.67 -13.18
CA GLU A 289 -3.28 -17.51 -14.61
C GLU A 289 -2.23 -18.20 -15.48
N GLN A 290 -1.00 -18.31 -14.95
CA GLN A 290 0.08 -18.93 -15.71
C GLN A 290 0.16 -20.43 -15.48
N GLY A 291 -0.65 -20.95 -14.57
CA GLY A 291 -0.59 -22.39 -14.23
C GLY A 291 0.67 -22.75 -13.45
N LEU A 292 1.20 -21.76 -12.73
CA LEU A 292 2.40 -21.93 -11.94
C LEU A 292 2.09 -21.99 -10.45
P PO4 B . 5.12 -10.14 13.24
O1 PO4 B . 6.08 -11.28 12.98
O2 PO4 B . 4.59 -9.63 11.92
O3 PO4 B . 3.98 -10.62 14.10
O4 PO4 B . 5.85 -9.02 13.96
CHA HEM C . -1.45 -1.12 8.62
CHB HEM C . -2.24 3.58 9.61
CHC HEM C . -3.50 4.29 4.99
CHD HEM C . -2.18 -0.25 3.87
C1A HEM C . -1.54 0.10 9.25
C2A HEM C . -1.22 0.32 10.64
C3A HEM C . -1.43 1.61 10.92
C4A HEM C . -1.92 2.25 9.72
CMA HEM C . -1.25 2.34 12.28
CAA HEM C . -0.68 -0.79 11.58
CBA HEM C . 0.83 -0.97 11.35
CGA HEM C . 1.32 -2.06 12.28
O1A HEM C . 1.95 -3.06 11.81
O2A HEM C . 1.05 -1.95 13.51
C1B HEM C . -2.70 4.17 8.45
C2B HEM C . -3.23 5.51 8.35
C3B HEM C . -3.58 5.70 7.05
C4B HEM C . -3.29 4.49 6.33
CMB HEM C . -3.32 6.47 9.55
CAB HEM C . -4.20 6.95 6.41
CBB HEM C . -4.99 7.80 7.06
C1C HEM C . -3.17 3.15 4.26
C2C HEM C . -3.16 3.05 2.82
C3C HEM C . -2.78 1.78 2.50
C4C HEM C . -2.54 1.07 3.74
CMC HEM C . -3.51 4.20 1.86
CAC HEM C . -2.57 1.15 1.12
CBC HEM C . -3.34 1.38 0.06
C1D HEM C . -1.97 -0.89 5.06
C2D HEM C . -1.80 -2.33 5.17
C3D HEM C . -1.57 -2.59 6.64
C4D HEM C . -1.64 -1.31 7.28
CMD HEM C . -1.85 -3.36 4.03
CAD HEM C . -1.33 -3.95 7.31
CBD HEM C . 0.18 -4.22 7.43
CGD HEM C . 0.50 -5.55 8.08
O1D HEM C . -0.44 -6.36 8.28
O2D HEM C . 1.71 -5.78 8.35
NA HEM C . -1.95 1.30 8.70
NB HEM C . -2.75 3.57 7.21
NC HEM C . -2.75 1.96 4.78
ND HEM C . -1.88 -0.31 6.32
FE HEM C . -2.37 1.62 6.75
C1 280 D . -6.82 -3.85 10.74
N2 280 D . -6.53 -2.46 10.32
C3 280 D . -7.34 -1.48 10.62
N4 280 D . -6.82 -0.41 10.18
C5 280 D . -5.68 -0.69 9.61
C6 280 D . -5.50 -1.96 9.66
C7 280 D . -4.47 -2.83 9.12
O8 280 D . -4.98 -3.74 8.53
#